data_6AID
#
_entry.id   6AID
#
_cell.length_a   42.265
_cell.length_b   68.860
_cell.length_c   78.594
_cell.angle_alpha   90.00
_cell.angle_beta   90.00
_cell.angle_gamma   90.00
#
_symmetry.space_group_name_H-M   'P 21 21 21'
#
loop_
_entity.id
_entity.type
_entity.pdbx_description
1 polymer Esterase
2 non-polymer 'CALCIUM ION'
3 non-polymer 'ethyl (2R)-2-oxidanylpropanoate'
4 non-polymer 'SODIUM ION'
5 non-polymer 'LACTIC ACID'
6 water water
#
_entity_poly.entity_id   1
_entity_poly.type   'polypeptide(L)'
_entity_poly.pdbx_seq_one_letter_code
;MRGSHHHHHHGSAPAQAANPYERGPNPTESMLEARSGPFSVSEERASRFGADGFGGGTIYYPRENNTYGAIAISPGYTGT
QSSIAWLGERIASHGFVVIAIDTNTTLDQPDSRARQLNAALDYMLTDASSAVRNRIDASRLAVMGHSMGGGGTLRLASQR
PDLKAAIPLTPWHLNKSWRDITVPTLIIGAEYDTIASVTLHSKPFYNSIPSPTDKAYLELDGASHFAPNITNKTIGMYSV
AWLKRFVDEDTRYTQFLCPGPRTGLLSDVEEYRSTCPF
;
_entity_poly.pdbx_strand_id   A
#
loop_
_chem_comp.id
_chem_comp.type
_chem_comp.name
_chem_comp.formula
9YL non-polymer 'ethyl (2R)-2-oxidanylpropanoate' 'C5 H10 O3'
CA non-polymer 'CALCIUM ION' 'Ca 2'
LAC non-polymer 'LACTIC ACID' 'C3 H6 O3'
NA non-polymer 'SODIUM ION' 'Na 1'
#
# COMPACT_ATOMS: atom_id res chain seq x y z
N ALA A 18 -14.12 -9.91 -20.58
CA ALA A 18 -12.99 -10.22 -19.67
C ALA A 18 -12.30 -8.87 -19.26
N ASN A 19 -11.89 -8.83 -18.07
CA ASN A 19 -11.13 -7.70 -17.51
C ASN A 19 -9.75 -7.73 -18.05
N PRO A 20 -9.33 -6.69 -18.80
CA PRO A 20 -8.00 -6.63 -19.35
C PRO A 20 -6.87 -6.50 -18.38
N TYR A 21 -7.19 -6.23 -17.10
CA TYR A 21 -6.25 -6.06 -16.04
C TYR A 21 -6.06 -7.24 -15.12
N GLU A 22 -6.88 -8.28 -15.34
CA GLU A 22 -6.86 -9.47 -14.41
C GLU A 22 -5.56 -10.27 -14.61
N ARG A 23 -4.93 -10.58 -13.50
CA ARG A 23 -3.71 -11.39 -13.52
C ARG A 23 -3.80 -12.48 -12.51
N GLY A 24 -3.18 -13.61 -12.82
CA GLY A 24 -2.98 -14.61 -11.79
C GLY A 24 -4.15 -15.53 -11.61
N PRO A 25 -3.97 -16.64 -10.92
CA PRO A 25 -4.99 -17.63 -10.64
C PRO A 25 -6.08 -17.10 -9.76
N ASN A 26 -7.27 -17.68 -9.82
CA ASN A 26 -8.35 -17.31 -8.98
C ASN A 26 -7.94 -17.44 -7.49
N PRO A 27 -8.26 -16.41 -6.69
CA PRO A 27 -7.72 -16.37 -5.30
C PRO A 27 -8.39 -17.19 -4.35
N THR A 28 -7.65 -17.54 -3.31
CA THR A 28 -8.22 -18.21 -2.12
C THR A 28 -7.58 -17.53 -0.92
N GLU A 29 -8.23 -17.64 0.25
CA GLU A 29 -7.68 -17.10 1.48
C GLU A 29 -6.26 -17.67 1.71
N SER A 30 -6.11 -18.98 1.52
CA SER A 30 -4.83 -19.64 1.74
C SER A 30 -3.73 -19.03 0.89
N MET A 31 -4.05 -18.81 -0.38
CA MET A 31 -3.10 -18.22 -1.31
C MET A 31 -2.71 -16.82 -0.89
N LEU A 32 -3.68 -16.05 -0.41
CA LEU A 32 -3.41 -14.67 0.04
C LEU A 32 -2.61 -14.61 1.34
N GLU A 33 -2.66 -15.65 2.17
CA GLU A 33 -1.95 -15.64 3.44
C GLU A 33 -0.56 -16.25 3.36
N ALA A 34 -0.29 -16.93 2.25
CA ALA A 34 1.01 -17.57 2.04
C ALA A 34 2.10 -16.54 1.95
N ARG A 35 3.30 -17.00 2.15
CA ARG A 35 4.47 -16.12 2.16
C ARG A 35 4.76 -15.55 0.81
N SER A 36 4.31 -16.22 -0.25
CA SER A 36 4.53 -15.71 -1.59
C SER A 36 3.45 -16.10 -2.59
N GLY A 37 2.99 -15.10 -3.35
CA GLY A 37 2.01 -15.27 -4.33
C GLY A 37 2.47 -16.10 -5.52
N PRO A 38 1.63 -16.13 -6.54
CA PRO A 38 1.85 -16.97 -7.69
C PRO A 38 2.85 -16.52 -8.73
N PHE A 39 3.37 -15.29 -8.57
CA PHE A 39 4.32 -14.74 -9.53
C PHE A 39 5.71 -14.77 -8.95
N SER A 40 6.69 -15.07 -9.74
CA SER A 40 8.12 -15.01 -9.36
C SER A 40 8.57 -13.57 -9.40
N VAL A 41 9.35 -13.13 -8.47
CA VAL A 41 9.73 -11.74 -8.33
C VAL A 41 11.21 -11.58 -8.61
N SER A 42 11.55 -10.53 -9.40
CA SER A 42 12.94 -10.06 -9.59
C SER A 42 13.10 -8.65 -8.97
N GLU A 43 14.27 -8.17 -8.88
CA GLU A 43 14.56 -6.94 -8.24
C GLU A 43 15.42 -6.06 -9.12
N GLU A 44 15.17 -4.77 -9.03
CA GLU A 44 16.03 -3.75 -9.70
C GLU A 44 16.31 -2.68 -8.66
N ARG A 45 17.59 -2.37 -8.48
CA ARG A 45 18.00 -1.39 -7.49
C ARG A 45 18.19 0.03 -8.02
N ALA A 46 17.38 0.95 -7.51
CA ALA A 46 17.46 2.31 -7.86
C ALA A 46 18.40 3.00 -6.85
N SER A 47 19.54 3.41 -7.24
CA SER A 47 20.49 4.07 -6.31
C SER A 47 20.04 5.40 -5.89
N ARG A 48 20.51 5.86 -4.72
CA ARG A 48 20.18 7.14 -4.24
C ARG A 48 20.56 8.26 -5.23
N PHE A 49 21.73 8.13 -5.84
CA PHE A 49 22.26 9.18 -6.71
C PHE A 49 21.64 9.19 -8.07
N GLY A 50 21.05 8.13 -8.49
CA GLY A 50 20.32 8.19 -9.78
C GLY A 50 18.84 8.50 -9.71
N ALA A 51 18.29 8.58 -8.51
CA ALA A 51 16.89 8.67 -8.25
C ALA A 51 16.58 10.11 -7.95
N ASP A 52 15.93 10.82 -8.82
CA ASP A 52 15.65 12.27 -8.56
C ASP A 52 14.43 12.45 -7.59
N GLY A 53 14.69 13.12 -6.50
CA GLY A 53 13.60 13.41 -5.59
C GLY A 53 13.28 12.44 -4.48
N PHE A 54 14.03 11.40 -4.37
CA PHE A 54 13.90 10.45 -3.26
C PHE A 54 15.25 9.76 -3.06
N GLY A 55 15.30 8.84 -2.09
CA GLY A 55 16.59 8.24 -1.75
C GLY A 55 16.92 6.96 -2.44
N GLY A 56 16.25 6.62 -3.52
CA GLY A 56 16.45 5.36 -4.14
C GLY A 56 15.51 4.30 -3.62
N GLY A 57 15.68 3.08 -4.02
CA GLY A 57 14.80 2.03 -3.51
C GLY A 57 15.09 0.78 -4.27
N THR A 58 14.26 -0.21 -4.02
CA THR A 58 14.32 -1.48 -4.73
C THR A 58 12.94 -1.69 -5.36
N ILE A 59 12.96 -1.92 -6.69
CA ILE A 59 11.74 -2.24 -7.47
C ILE A 59 11.65 -3.74 -7.60
N TYR A 60 10.54 -4.25 -7.07
CA TYR A 60 10.22 -5.70 -7.15
C TYR A 60 9.21 -5.85 -8.29
N TYR A 61 9.42 -6.80 -9.20
CA TYR A 61 8.50 -6.95 -10.28
C TYR A 61 8.35 -8.38 -10.69
N PRO A 62 7.21 -8.70 -11.33
CA PRO A 62 7.02 -10.11 -11.78
C PRO A 62 7.92 -10.41 -12.90
N ARG A 63 8.53 -11.58 -12.91
CA ARG A 63 9.32 -12.06 -14.01
C ARG A 63 8.45 -12.28 -15.20
N GLU A 64 7.23 -12.78 -14.96
CA GLU A 64 6.32 -13.03 -16.07
C GLU A 64 6.06 -11.75 -16.86
N ASN A 65 6.26 -11.80 -18.18
CA ASN A 65 6.03 -10.57 -18.99
C ASN A 65 4.55 -10.30 -19.10
N ASN A 66 4.15 -9.08 -18.73
CA ASN A 66 2.79 -8.58 -18.88
C ASN A 66 2.88 -7.08 -18.46
N THR A 67 1.77 -6.39 -18.51
CA THR A 67 1.69 -5.11 -17.85
C THR A 67 0.93 -5.26 -16.56
N TYR A 68 1.39 -4.55 -15.56
CA TYR A 68 0.83 -4.60 -14.23
C TYR A 68 0.70 -3.17 -13.68
N GLY A 69 -0.17 -3.05 -12.63
CA GLY A 69 -0.15 -1.81 -11.88
C GLY A 69 1.12 -1.61 -11.14
N ALA A 70 1.42 -0.35 -10.79
CA ALA A 70 2.69 0.02 -10.13
C ALA A 70 2.38 0.73 -8.82
N ILE A 71 3.15 0.37 -7.81
CA ILE A 71 2.92 0.84 -6.41
C ILE A 71 4.17 1.37 -5.84
N ALA A 72 4.13 2.50 -5.13
CA ALA A 72 5.27 2.95 -4.33
C ALA A 72 4.96 2.86 -2.84
N ILE A 73 5.90 2.40 -2.06
CA ILE A 73 5.74 2.22 -0.59
C ILE A 73 6.86 2.95 0.11
N SER A 74 6.41 3.75 1.09
CA SER A 74 7.36 4.55 1.94
C SER A 74 7.50 3.94 3.31
N PRO A 75 8.72 3.92 3.87
CA PRO A 75 8.90 3.68 5.30
C PRO A 75 8.49 4.89 6.11
N GLY A 76 8.64 4.73 7.45
CA GLY A 76 8.45 5.86 8.34
C GLY A 76 9.72 6.36 8.91
N TYR A 77 9.55 7.25 9.88
CA TYR A 77 10.64 7.94 10.62
C TYR A 77 11.62 6.91 11.18
N THR A 78 12.88 7.11 10.84
CA THR A 78 14.02 6.20 11.19
C THR A 78 14.11 4.99 10.29
N GLY A 79 13.14 4.80 9.43
CA GLY A 79 13.07 3.50 8.68
C GLY A 79 13.73 3.69 7.28
N THR A 80 14.06 2.58 6.75
CA THR A 80 14.54 2.47 5.41
C THR A 80 13.72 1.48 4.61
N GLN A 81 14.11 1.26 3.37
CA GLN A 81 13.40 0.34 2.51
C GLN A 81 13.32 -1.08 3.15
N SER A 82 14.34 -1.47 3.93
CA SER A 82 14.32 -2.82 4.51
C SER A 82 13.14 -2.97 5.49
N SER A 83 12.61 -1.85 5.99
CA SER A 83 11.51 -1.89 6.97
C SER A 83 10.17 -2.23 6.34
N ILE A 84 10.09 -2.19 5.02
CA ILE A 84 8.87 -2.47 4.30
C ILE A 84 9.14 -3.42 3.11
N ALA A 85 10.35 -3.92 3.00
CA ALA A 85 10.73 -4.77 1.85
C ALA A 85 9.92 -6.02 1.79
N TRP A 86 9.63 -6.69 2.92
CA TRP A 86 8.86 -7.93 2.88
C TRP A 86 7.57 -7.67 2.15
N LEU A 87 6.93 -6.55 2.39
CA LEU A 87 5.63 -6.28 1.88
C LEU A 87 5.68 -5.90 0.37
N GLY A 88 6.68 -5.16 -0.01
CA GLY A 88 6.94 -4.85 -1.41
C GLY A 88 7.09 -6.11 -2.25
N GLU A 89 7.97 -7.03 -1.74
CA GLU A 89 8.13 -8.33 -2.42
C GLU A 89 6.84 -9.13 -2.47
N ARG A 90 6.18 -9.22 -1.32
CA ARG A 90 4.93 -9.96 -1.20
C ARG A 90 3.93 -9.49 -2.22
N ILE A 91 3.68 -8.17 -2.23
CA ILE A 91 2.75 -7.62 -3.19
C ILE A 91 3.16 -7.86 -4.62
N ALA A 92 4.43 -7.68 -4.93
CA ALA A 92 4.84 -7.93 -6.33
C ALA A 92 4.57 -9.33 -6.71
N SER A 93 4.67 -10.28 -5.79
CA SER A 93 4.45 -11.72 -6.03
C SER A 93 3.01 -12.03 -6.32
N HIS A 94 2.09 -11.08 -6.19
CA HIS A 94 0.71 -11.22 -6.61
C HIS A 94 0.42 -10.46 -7.93
N GLY A 95 1.48 -9.95 -8.58
CA GLY A 95 1.29 -9.38 -9.94
C GLY A 95 1.28 -7.88 -9.92
N PHE A 96 2.26 -7.26 -9.36
CA PHE A 96 2.37 -5.77 -9.30
C PHE A 96 3.83 -5.44 -9.42
N VAL A 97 4.12 -4.25 -9.90
CA VAL A 97 5.48 -3.62 -9.92
C VAL A 97 5.50 -2.70 -8.66
N VAL A 98 6.44 -2.96 -7.77
CA VAL A 98 6.41 -2.26 -6.47
C VAL A 98 7.76 -1.72 -6.14
N ILE A 99 7.88 -0.40 -5.82
CA ILE A 99 9.12 0.14 -5.35
C ILE A 99 9.03 0.40 -3.83
N ALA A 100 9.96 -0.16 -3.10
CA ALA A 100 10.12 0.12 -1.68
C ALA A 100 11.23 1.17 -1.59
N ILE A 101 10.88 2.37 -1.16
CA ILE A 101 11.84 3.44 -1.19
C ILE A 101 12.62 3.66 0.08
N ASP A 102 13.80 4.25 -0.09
CA ASP A 102 14.43 5.04 0.93
C ASP A 102 14.13 6.52 0.67
N THR A 103 14.00 7.26 1.75
CA THR A 103 13.79 8.67 1.73
C THR A 103 15.12 9.43 1.69
N ASN A 104 15.05 10.71 1.35
CA ASN A 104 16.23 11.52 1.31
C ASN A 104 16.98 11.47 2.62
N THR A 105 16.29 11.66 3.70
CA THR A 105 16.82 11.38 5.05
C THR A 105 15.80 10.55 5.78
N THR A 106 16.32 9.79 6.78
CA THR A 106 15.44 8.92 7.57
C THR A 106 14.51 9.74 8.48
N LEU A 107 14.75 11.08 8.63
CA LEU A 107 14.05 11.95 9.52
C LEU A 107 12.99 12.80 8.79
N ASP A 108 12.82 12.52 7.48
CA ASP A 108 11.85 13.31 6.68
C ASP A 108 10.42 13.24 7.24
N GLN A 109 9.67 14.33 7.14
CA GLN A 109 8.34 14.41 7.69
C GLN A 109 7.27 13.91 6.68
N PRO A 110 6.04 13.73 7.12
CA PRO A 110 5.04 13.07 6.22
C PRO A 110 4.86 13.68 4.87
N ASP A 111 4.75 15.02 4.84
CA ASP A 111 4.48 15.61 3.52
C ASP A 111 5.67 15.58 2.58
N SER A 112 6.90 15.57 3.16
CA SER A 112 8.08 15.28 2.33
C SER A 112 8.01 13.85 1.80
N ARG A 113 7.56 12.94 2.65
CA ARG A 113 7.40 11.55 2.25
C ARG A 113 6.47 11.47 1.06
N ALA A 114 5.36 12.22 1.12
CA ALA A 114 4.38 12.24 0.01
C ALA A 114 5.01 12.64 -1.31
N ARG A 115 5.84 13.73 -1.25
CA ARG A 115 6.51 14.17 -2.46
C ARG A 115 7.41 13.11 -2.96
N GLN A 116 8.12 12.43 -2.07
CA GLN A 116 9.06 11.34 -2.47
C GLN A 116 8.37 10.11 -3.04
N LEU A 117 7.21 9.82 -2.51
CA LEU A 117 6.37 8.73 -3.12
C LEU A 117 6.00 9.14 -4.58
N ASN A 118 5.63 10.39 -4.77
CA ASN A 118 5.29 10.87 -6.13
C ASN A 118 6.55 10.76 -7.03
N ALA A 119 7.68 11.14 -6.54
CA ALA A 119 8.91 11.06 -7.36
C ALA A 119 9.23 9.59 -7.65
N ALA A 120 8.95 8.68 -6.75
CA ALA A 120 9.23 7.27 -7.00
C ALA A 120 8.28 6.68 -8.03
N LEU A 121 7.01 7.09 -8.03
CA LEU A 121 6.14 6.70 -9.12
C LEU A 121 6.66 7.23 -10.47
N ASP A 122 7.07 8.48 -10.52
CA ASP A 122 7.57 9.04 -11.77
C ASP A 122 8.83 8.28 -12.16
N TYR A 123 9.70 7.93 -11.23
CA TYR A 123 10.94 7.17 -11.50
C TYR A 123 10.59 5.88 -12.15
N MET A 124 9.67 5.11 -11.64
CA MET A 124 9.31 3.82 -12.31
C MET A 124 8.82 3.97 -13.71
N LEU A 125 8.04 5.09 -13.95
CA LEU A 125 7.47 5.31 -15.25
C LEU A 125 8.52 5.73 -16.30
N THR A 126 9.55 6.50 -15.97
CA THR A 126 10.43 6.93 -17.04
C THR A 126 11.93 6.81 -16.82
N ASP A 127 12.33 6.52 -15.60
CA ASP A 127 13.72 6.40 -15.35
C ASP A 127 14.25 5.03 -15.11
N ALA A 128 13.41 4.08 -14.69
CA ALA A 128 13.80 2.68 -14.48
C ALA A 128 14.18 2.02 -15.79
N SER A 129 14.55 0.77 -15.73
CA SER A 129 14.95 0.06 -16.93
C SER A 129 13.75 -0.22 -17.77
N SER A 130 14.05 -0.56 -19.00
CA SER A 130 12.99 -1.01 -19.93
C SER A 130 12.29 -2.26 -19.41
N ALA A 131 12.98 -3.14 -18.69
CA ALA A 131 12.37 -4.30 -18.07
C ALA A 131 11.28 -3.90 -17.14
N VAL A 132 11.47 -2.89 -16.32
CA VAL A 132 10.48 -2.39 -15.42
C VAL A 132 9.40 -1.64 -16.14
N ARG A 133 9.81 -0.70 -17.02
CA ARG A 133 8.79 0.13 -17.72
C ARG A 133 7.90 -0.71 -18.60
N ASN A 134 8.41 -1.73 -19.26
CA ASN A 134 7.60 -2.58 -20.12
C ASN A 134 6.58 -3.39 -19.31
N ARG A 135 6.78 -3.46 -17.99
CA ARG A 135 5.86 -4.21 -17.13
C ARG A 135 4.84 -3.32 -16.40
N ILE A 136 4.85 -2.02 -16.70
CA ILE A 136 3.91 -1.12 -16.03
C ILE A 136 2.86 -0.59 -16.95
N ASP A 137 1.59 -0.63 -16.49
CA ASP A 137 0.51 0.15 -17.12
C ASP A 137 0.47 1.46 -16.38
N ALA A 138 1.00 2.54 -17.01
CA ALA A 138 1.19 3.84 -16.34
C ALA A 138 -0.08 4.47 -15.84
N SER A 139 -1.22 4.01 -16.30
CA SER A 139 -2.47 4.56 -15.90
C SER A 139 -2.99 3.97 -14.60
N ARG A 140 -2.35 2.93 -14.07
CA ARG A 140 -2.86 2.23 -12.88
C ARG A 140 -1.79 2.20 -11.79
N LEU A 141 -1.89 3.19 -10.94
CA LEU A 141 -0.85 3.46 -9.90
C LEU A 141 -1.48 3.47 -8.49
N ALA A 142 -0.67 3.16 -7.49
CA ALA A 142 -1.13 3.24 -6.07
C ALA A 142 0.05 3.55 -5.24
N VAL A 143 -0.29 3.93 -4.00
CA VAL A 143 0.71 4.31 -3.01
C VAL A 143 0.38 3.71 -1.62
N MET A 144 1.43 3.40 -0.88
CA MET A 144 1.30 2.81 0.46
C MET A 144 2.41 3.40 1.30
N GLY A 145 2.31 3.22 2.63
CA GLY A 145 3.41 3.61 3.46
C GLY A 145 3.13 3.37 4.92
N HIS A 146 4.19 3.25 5.66
CA HIS A 146 4.13 3.01 7.13
C HIS A 146 4.36 4.28 7.92
N SER A 147 3.42 4.53 8.87
CA SER A 147 3.66 5.54 9.92
C SER A 147 3.75 6.92 9.30
N MET A 148 4.85 7.68 9.41
CA MET A 148 4.88 8.92 8.66
C MET A 148 4.79 8.70 7.18
N GLY A 149 5.20 7.52 6.68
CA GLY A 149 5.00 7.23 5.32
C GLY A 149 3.55 6.95 4.97
N GLY A 150 2.76 6.50 5.93
CA GLY A 150 1.30 6.42 5.76
C GLY A 150 0.62 7.73 5.78
N GLY A 151 1.18 8.64 6.61
CA GLY A 151 0.70 10.05 6.47
C GLY A 151 0.98 10.63 5.09
N GLY A 152 2.19 10.31 4.58
CA GLY A 152 2.55 10.71 3.23
C GLY A 152 1.62 10.13 2.17
N THR A 153 1.19 8.91 2.39
CA THR A 153 0.23 8.24 1.50
C THR A 153 -1.09 8.95 1.43
N LEU A 154 -1.59 9.34 2.64
CA LEU A 154 -2.84 10.13 2.65
C LEU A 154 -2.69 11.45 1.89
N ARG A 155 -1.57 12.12 2.17
CA ARG A 155 -1.40 13.40 1.47
C ARG A 155 -1.31 13.27 -0.01
N LEU A 156 -0.54 12.23 -0.48
CA LEU A 156 -0.46 12.05 -1.96
C LEU A 156 -1.77 11.68 -2.52
N ALA A 157 -2.51 10.80 -1.83
CA ALA A 157 -3.86 10.47 -2.30
C ALA A 157 -4.76 11.68 -2.44
N SER A 158 -4.64 12.59 -1.49
CA SER A 158 -5.43 13.83 -1.50
C SER A 158 -5.00 14.68 -2.76
N GLN A 159 -3.71 14.75 -3.08
CA GLN A 159 -3.24 15.58 -4.19
C GLN A 159 -3.30 14.92 -5.56
N ARG A 160 -3.42 13.61 -5.59
CA ARG A 160 -3.47 12.87 -6.85
C ARG A 160 -4.68 11.96 -6.96
N PRO A 161 -5.82 12.53 -7.33
CA PRO A 161 -7.03 11.74 -7.50
C PRO A 161 -7.04 10.75 -8.64
N ASP A 162 -6.02 10.84 -9.46
CA ASP A 162 -5.84 9.84 -10.51
C ASP A 162 -5.31 8.50 -10.04
N LEU A 163 -4.79 8.44 -8.84
CA LEU A 163 -4.29 7.20 -8.28
C LEU A 163 -5.46 6.22 -8.13
N LYS A 164 -5.18 4.93 -8.28
CA LYS A 164 -6.26 3.92 -8.13
C LYS A 164 -6.47 3.41 -6.73
N ALA A 165 -5.46 3.54 -5.86
CA ALA A 165 -5.64 3.07 -4.47
C ALA A 165 -4.59 3.69 -3.62
N ALA A 166 -4.90 3.67 -2.32
CA ALA A 166 -3.95 4.12 -1.28
C ALA A 166 -4.08 3.27 -0.04
N ILE A 167 -2.94 2.84 0.51
CA ILE A 167 -2.99 2.02 1.72
C ILE A 167 -2.01 2.55 2.78
N PRO A 168 -2.52 3.42 3.64
CA PRO A 168 -1.75 3.87 4.79
C PRO A 168 -1.70 2.76 5.90
N LEU A 169 -0.52 2.46 6.35
CA LEU A 169 -0.28 1.45 7.39
C LEU A 169 0.13 2.19 8.67
N THR A 170 -0.60 1.94 9.73
CA THR A 170 -0.43 2.63 11.02
C THR A 170 -0.02 4.09 10.78
N PRO A 171 -0.80 4.84 10.05
CA PRO A 171 -0.34 6.19 9.59
C PRO A 171 -0.27 7.18 10.69
N TRP A 172 0.68 8.11 10.57
CA TRP A 172 0.90 9.21 11.49
C TRP A 172 0.89 10.48 10.62
N HIS A 173 0.06 11.45 11.05
CA HIS A 173 0.04 12.82 10.46
C HIS A 173 -0.65 13.74 11.41
N LEU A 174 -0.17 15.00 11.42
CA LEU A 174 -0.80 16.01 12.24
C LEU A 174 -2.11 16.53 11.74
N ASN A 175 -2.33 16.44 10.42
CA ASN A 175 -3.56 16.78 9.83
C ASN A 175 -4.55 15.64 9.97
N LYS A 176 -5.68 15.92 10.60
CA LYS A 176 -6.65 14.88 10.94
C LYS A 176 -7.78 14.81 9.94
N SER A 177 -7.93 15.77 9.07
CA SER A 177 -9.09 15.80 8.19
C SER A 177 -8.67 15.68 6.76
N TRP A 178 -9.05 14.57 6.11
CA TRP A 178 -8.67 14.25 4.72
C TRP A 178 -9.87 14.30 3.86
N ARG A 179 -10.52 15.45 3.92
CA ARG A 179 -11.82 15.62 3.36
C ARG A 179 -11.82 15.69 1.86
N ASP A 180 -10.66 15.66 1.21
CA ASP A 180 -10.59 15.73 -0.25
C ASP A 180 -10.10 14.45 -0.92
N ILE A 181 -9.97 13.37 -0.17
CA ILE A 181 -9.49 12.11 -0.79
C ILE A 181 -10.63 11.46 -1.51
N THR A 182 -10.43 11.17 -2.82
CA THR A 182 -11.35 10.45 -3.65
C THR A 182 -10.83 9.06 -4.14
N VAL A 183 -9.59 8.77 -3.74
CA VAL A 183 -8.93 7.54 -4.09
C VAL A 183 -9.38 6.44 -3.11
N PRO A 184 -9.67 5.23 -3.61
CA PRO A 184 -10.02 4.13 -2.67
C PRO A 184 -8.93 3.83 -1.71
N THR A 185 -9.26 3.98 -0.42
CA THR A 185 -8.27 3.97 0.65
C THR A 185 -8.56 2.91 1.74
N LEU A 186 -7.56 2.09 1.96
CA LEU A 186 -7.67 1.11 3.03
C LEU A 186 -6.68 1.58 4.09
N ILE A 187 -7.13 1.89 5.31
CA ILE A 187 -6.25 2.23 6.39
C ILE A 187 -6.17 1.02 7.33
N ILE A 188 -4.90 0.62 7.57
CA ILE A 188 -4.64 -0.53 8.48
C ILE A 188 -4.04 0.07 9.76
N GLY A 189 -4.77 -0.08 10.85
CA GLY A 189 -4.28 0.42 12.15
C GLY A 189 -3.85 -0.73 13.04
N ALA A 190 -3.19 -0.42 14.12
CA ALA A 190 -2.77 -1.39 15.13
C ALA A 190 -3.46 -1.10 16.45
N GLU A 191 -4.07 -2.11 17.08
CA GLU A 191 -4.86 -1.88 18.30
C GLU A 191 -4.04 -1.21 19.38
N TYR A 192 -2.82 -1.68 19.61
CA TYR A 192 -1.96 -1.17 20.67
C TYR A 192 -0.78 -0.31 20.23
N ASP A 193 -1.06 0.61 19.32
CA ASP A 193 -0.11 1.55 18.79
C ASP A 193 0.05 2.72 19.72
N THR A 194 1.23 2.90 20.26
CA THR A 194 1.53 4.06 21.14
C THR A 194 2.25 5.21 20.50
N ILE A 195 2.54 5.11 19.22
CA ILE A 195 3.24 6.13 18.44
C ILE A 195 2.26 6.88 17.56
N ALA A 196 1.41 6.11 16.83
CA ALA A 196 0.33 6.67 15.99
C ALA A 196 -0.99 5.98 16.43
N SER A 197 -1.42 6.29 17.65
CA SER A 197 -2.63 5.71 18.20
C SER A 197 -3.79 5.83 17.22
N VAL A 198 -4.55 4.75 17.06
CA VAL A 198 -5.68 4.77 16.14
C VAL A 198 -6.70 5.82 16.58
N THR A 199 -6.76 6.10 17.92
CA THR A 199 -7.72 7.11 18.41
C THR A 199 -7.44 8.49 17.85
N LEU A 200 -6.14 8.79 17.70
CA LEU A 200 -5.67 10.09 17.32
C LEU A 200 -5.30 10.21 15.92
N HIS A 201 -5.03 9.08 15.23
CA HIS A 201 -4.48 9.08 13.85
C HIS A 201 -5.42 8.33 12.94
N SER A 202 -5.29 6.96 12.85
CA SER A 202 -6.07 6.19 11.84
C SER A 202 -7.55 6.47 11.80
N LYS A 203 -8.21 6.42 12.96
CA LYS A 203 -9.68 6.55 12.96
C LYS A 203 -10.13 7.91 12.50
N PRO A 204 -9.60 9.01 13.09
CA PRO A 204 -9.96 10.33 12.57
C PRO A 204 -9.74 10.42 11.06
N PHE A 205 -8.62 9.90 10.58
CA PHE A 205 -8.35 9.94 9.16
C PHE A 205 -9.44 9.23 8.35
N TYR A 206 -9.73 8.00 8.74
CA TYR A 206 -10.74 7.21 8.06
C TYR A 206 -12.09 7.91 8.10
N ASN A 207 -12.45 8.42 9.28
CA ASN A 207 -13.79 9.08 9.42
C ASN A 207 -13.87 10.29 8.52
N SER A 208 -12.81 10.96 8.25
CA SER A 208 -12.83 12.17 7.49
C SER A 208 -12.88 12.01 5.99
N ILE A 209 -12.59 10.82 5.47
CA ILE A 209 -12.57 10.58 4.02
C ILE A 209 -14.00 10.65 3.54
N PRO A 210 -14.29 11.55 2.59
CA PRO A 210 -15.65 11.86 2.32
C PRO A 210 -16.45 10.77 1.58
N SER A 211 -17.75 10.68 1.81
CA SER A 211 -18.66 9.94 0.91
C SER A 211 -18.65 10.59 -0.47
N PRO A 212 -18.61 9.87 -1.58
CA PRO A 212 -18.76 8.46 -1.74
C PRO A 212 -17.44 7.75 -1.95
N THR A 213 -16.32 8.20 -1.48
CA THR A 213 -15.03 7.52 -1.71
C THR A 213 -15.09 6.14 -1.15
N ASP A 214 -14.63 5.15 -1.91
CA ASP A 214 -14.60 3.78 -1.42
C ASP A 214 -13.47 3.70 -0.38
N LYS A 215 -13.74 3.08 0.76
CA LYS A 215 -12.73 2.99 1.82
C LYS A 215 -12.97 1.86 2.77
N ALA A 216 -11.93 1.56 3.51
CA ALA A 216 -12.05 0.53 4.59
C ALA A 216 -11.04 0.85 5.63
N TYR A 217 -11.36 0.40 6.84
CA TYR A 217 -10.50 0.46 8.02
C TYR A 217 -10.36 -0.93 8.61
N LEU A 218 -9.12 -1.35 8.83
CA LEU A 218 -8.82 -2.69 9.39
C LEU A 218 -7.91 -2.51 10.51
N GLU A 219 -8.31 -2.85 11.74
CA GLU A 219 -7.46 -2.71 12.92
C GLU A 219 -6.93 -4.06 13.32
N LEU A 220 -5.63 -4.15 13.38
CA LEU A 220 -4.96 -5.44 13.71
C LEU A 220 -5.06 -5.70 15.19
N ASP A 221 -5.65 -6.83 15.58
CA ASP A 221 -5.78 -7.18 16.96
C ASP A 221 -4.39 -7.34 17.58
N GLY A 222 -4.21 -6.86 18.76
CA GLY A 222 -3.00 -7.16 19.53
C GLY A 222 -1.71 -6.47 19.08
N ALA A 223 -1.77 -5.70 18.02
CA ALA A 223 -0.58 -5.25 17.29
C ALA A 223 -0.02 -3.95 17.85
N SER A 224 1.30 -3.87 17.69
CA SER A 224 2.01 -2.63 17.94
C SER A 224 2.19 -1.81 16.65
N HIS A 225 2.75 -0.62 16.84
CA HIS A 225 3.11 0.26 15.71
C HIS A 225 3.98 -0.42 14.70
N PHE A 226 4.82 -1.37 15.14
CA PHE A 226 5.82 -1.96 14.27
C PHE A 226 5.35 -3.23 13.67
N ALA A 227 4.07 -3.62 13.82
CA ALA A 227 3.54 -4.81 13.15
C ALA A 227 3.77 -4.74 11.61
N PRO A 228 3.69 -3.58 10.93
CA PRO A 228 3.92 -3.55 9.48
C PRO A 228 5.36 -3.86 9.06
N ASN A 229 6.29 -3.91 10.01
CA ASN A 229 7.71 -4.07 9.64
C ASN A 229 8.12 -5.50 9.65
N ILE A 230 7.24 -6.44 9.96
CA ILE A 230 7.58 -7.89 9.88
C ILE A 230 6.47 -8.61 9.17
N THR A 231 6.79 -9.70 8.55
CA THR A 231 5.80 -10.44 7.78
C THR A 231 4.56 -10.67 8.60
N ASN A 232 3.39 -10.34 7.98
CA ASN A 232 2.08 -10.28 8.65
C ASN A 232 1.04 -10.74 7.65
N LYS A 233 0.49 -11.89 7.87
CA LYS A 233 -0.44 -12.45 6.89
C LYS A 233 -1.66 -11.62 6.62
N THR A 234 -2.14 -10.91 7.66
CA THR A 234 -3.35 -10.11 7.54
C THR A 234 -3.04 -8.88 6.71
N ILE A 235 -1.92 -8.19 7.04
CA ILE A 235 -1.53 -7.04 6.20
C ILE A 235 -1.30 -7.46 4.77
N GLY A 236 -0.62 -8.62 4.59
CA GLY A 236 -0.35 -9.07 3.18
C GLY A 236 -1.68 -9.41 2.53
N MET A 237 -2.59 -10.20 3.12
CA MET A 237 -3.80 -10.58 2.46
C MET A 237 -4.62 -9.42 2.05
N TYR A 238 -4.87 -8.50 3.00
CA TYR A 238 -5.80 -7.38 2.72
C TYR A 238 -5.17 -6.29 1.88
N SER A 239 -3.88 -6.08 1.97
CA SER A 239 -3.25 -5.13 1.01
C SER A 239 -3.37 -5.64 -0.39
N VAL A 240 -3.07 -6.93 -0.61
CA VAL A 240 -3.22 -7.46 -2.00
C VAL A 240 -4.66 -7.42 -2.44
N ALA A 241 -5.61 -7.81 -1.61
CA ALA A 241 -7.00 -7.84 -2.06
C ALA A 241 -7.42 -6.44 -2.42
N TRP A 242 -7.02 -5.43 -1.64
CA TRP A 242 -7.40 -4.05 -1.97
C TRP A 242 -6.82 -3.57 -3.28
N LEU A 243 -5.51 -3.84 -3.47
CA LEU A 243 -4.89 -3.48 -4.74
C LEU A 243 -5.47 -4.20 -5.90
N LYS A 244 -5.70 -5.45 -5.76
CA LYS A 244 -6.39 -6.20 -6.86
C LYS A 244 -7.74 -5.59 -7.20
N ARG A 245 -8.57 -5.35 -6.18
CA ARG A 245 -9.88 -4.82 -6.45
C ARG A 245 -9.81 -3.48 -7.15
N PHE A 246 -8.94 -2.55 -6.68
CA PHE A 246 -8.97 -1.18 -7.15
C PHE A 246 -7.97 -0.86 -8.26
N VAL A 247 -6.73 -1.37 -8.15
CA VAL A 247 -5.73 -1.17 -9.23
C VAL A 247 -6.04 -2.00 -10.40
N ASP A 248 -6.52 -3.22 -10.20
CA ASP A 248 -6.81 -4.11 -11.32
C ASP A 248 -8.29 -4.30 -11.61
N GLU A 249 -9.12 -3.52 -10.93
CA GLU A 249 -10.57 -3.63 -11.14
C GLU A 249 -11.02 -5.09 -11.06
N ASP A 250 -10.24 -5.86 -10.31
CA ASP A 250 -10.49 -7.29 -10.16
C ASP A 250 -11.57 -7.59 -9.13
N THR A 251 -12.75 -7.96 -9.61
CA THR A 251 -13.85 -8.27 -8.73
C THR A 251 -13.80 -9.67 -8.18
N ARG A 252 -12.80 -10.48 -8.57
CA ARG A 252 -12.58 -11.74 -7.91
C ARG A 252 -12.15 -11.58 -6.48
N TYR A 253 -11.67 -10.36 -6.12
CA TYR A 253 -11.19 -10.06 -4.77
C TYR A 253 -12.22 -9.47 -3.89
N THR A 254 -13.39 -9.04 -4.41
CA THR A 254 -14.40 -8.44 -3.58
C THR A 254 -14.80 -9.34 -2.46
N GLN A 255 -14.83 -10.67 -2.70
CA GLN A 255 -15.18 -11.62 -1.70
C GLN A 255 -14.43 -11.47 -0.43
N PHE A 256 -13.16 -11.05 -0.46
CA PHE A 256 -12.36 -10.92 0.76
C PHE A 256 -12.64 -9.61 1.46
N LEU A 257 -13.13 -8.61 0.75
CA LEU A 257 -13.28 -7.31 1.32
C LEU A 257 -14.71 -7.06 1.80
N CYS A 258 -15.70 -7.77 1.26
CA CYS A 258 -17.12 -7.54 1.54
C CYS A 258 -17.75 -8.89 1.84
N PRO A 259 -18.28 -9.14 3.08
CA PRO A 259 -18.38 -8.15 4.14
C PRO A 259 -17.04 -7.95 4.86
N GLY A 260 -16.02 -8.73 4.59
CA GLY A 260 -14.67 -8.51 5.13
C GLY A 260 -14.42 -9.47 6.24
N PRO A 261 -13.28 -9.29 6.87
CA PRO A 261 -12.87 -10.25 7.94
C PRO A 261 -13.81 -10.31 9.09
N ARG A 262 -13.93 -11.48 9.69
CA ARG A 262 -14.60 -11.63 10.96
C ARG A 262 -13.80 -10.91 12.07
N THR A 263 -14.53 -10.21 12.96
CA THR A 263 -13.98 -9.42 14.05
C THR A 263 -14.52 -10.03 15.31
N GLY A 264 -14.21 -9.53 16.42
CA GLY A 264 -14.67 -10.26 17.57
C GLY A 264 -13.48 -10.76 18.35
N LEU A 265 -13.78 -11.29 19.54
CA LEU A 265 -12.75 -11.47 20.56
C LEU A 265 -11.55 -12.34 20.09
N LEU A 266 -11.80 -13.31 19.24
CA LEU A 266 -10.75 -14.28 18.86
C LEU A 266 -10.12 -13.98 17.57
N SER A 267 -10.52 -12.84 16.96
CA SER A 267 -10.03 -12.58 15.58
C SER A 267 -8.65 -11.96 15.57
N ASP A 268 -7.92 -12.11 14.46
CA ASP A 268 -6.72 -11.23 14.17
C ASP A 268 -7.09 -9.84 13.77
N VAL A 269 -8.34 -9.60 13.54
CA VAL A 269 -8.88 -8.28 13.18
C VAL A 269 -9.74 -7.77 14.32
N GLU A 270 -9.35 -6.72 14.99
CA GLU A 270 -10.13 -6.18 16.05
C GLU A 270 -11.39 -5.50 15.56
N GLU A 271 -11.25 -4.82 14.43
CA GLU A 271 -12.39 -4.10 13.86
C GLU A 271 -12.20 -3.86 12.39
N TYR A 272 -13.31 -3.90 11.66
CA TYR A 272 -13.29 -3.70 10.25
C TYR A 272 -14.47 -2.84 9.86
N ARG A 273 -14.19 -1.75 9.14
CA ARG A 273 -15.26 -0.85 8.58
C ARG A 273 -15.09 -0.78 7.08
N SER A 274 -16.13 -0.67 6.27
CA SER A 274 -15.96 -0.44 4.86
C SER A 274 -17.18 0.17 4.28
N THR A 275 -17.03 0.65 3.06
CA THR A 275 -18.14 1.16 2.27
C THR A 275 -18.65 0.14 1.24
N CYS A 276 -18.46 -1.15 1.53
CA CYS A 276 -19.05 -2.26 0.75
C CYS A 276 -20.48 -2.08 0.57
N PRO A 277 -21.06 -2.32 -0.64
CA PRO A 277 -20.39 -2.94 -1.74
C PRO A 277 -19.73 -1.79 -2.48
N PHE A 278 -18.81 -2.09 -3.25
CA PHE A 278 -18.10 -0.93 -3.83
C PHE A 278 -18.67 -0.97 -5.23
CA CA B . -8.21 -6.93 20.85
CA CA C . 12.29 -13.94 -6.30
CA CA D . 18.11 10.79 -4.93
C1 9YL E . 8.64 4.39 12.55
O2 9YL E . 7.14 5.59 13.57
C3 9YL E . 9.39 5.48 14.62
C7 9YL E . 9.89 2.95 11.11
C8 9YL E . 10.57 1.58 11.11
C2 9YL E . 8.27 4.80 13.89
O1 9YL E . 8.21 4.82 11.53
OXT 9YL E . 9.55 3.37 12.47
NA NA F . -2.58 5.34 13.17
NA NA G . -3.80 2.35 18.68
C LAC H . 6.69 8.97 14.59
CA LAC H . 7.24 9.72 15.80
CB LAC H . 8.57 10.42 15.73
O LAC H . 7.13 8.82 13.55
OHN LAC H . 6.38 10.79 15.88
OXT LAC H . 5.63 8.34 14.64
#